data_5IMJ
#
_entry.id   5IMJ
#
_cell.length_a   109.490
_cell.length_b   109.490
_cell.length_c   106.659
_cell.angle_alpha   90.00
_cell.angle_beta   90.00
_cell.angle_gamma   120.00
#
_symmetry.space_group_name_H-M   'P 64'
#
loop_
_entity.id
_entity.type
_entity.pdbx_description
1 polymer 'Cell division protein ZapD'
2 non-polymer 'SULFATE ION'
3 water water
#
_entity_poly.entity_id   1
_entity_poly.type   'polypeptide(L)'
_entity_poly.pdbx_seq_one_letter_code
;QTQVLFEHPLNEKMRTWLRIEFLIQQLTVNLPIVDHAGALHFFRNVSELLDVFERGEVRTELLKELDRQQRKLQTWIGVP
GVDQSRIEALIQQLKAAGSVLISAPRIGQFLREDRLIALVRQRLSIPGGCCSFDLPTLHIWLHLPQAQRDSQVETWIASL
NPLTQALTMVLDLIRQSAPFRKQTSLNGFYQDNGGDADLLRLNLSLDSQLYPQISGHKSRFAIRFMPLDTENGQVPERLD
FELACC
;
_entity_poly.pdbx_strand_id   A,B
#
# COMPACT_ATOMS: atom_id res chain seq x y z
N GLN A 1 12.69 29.17 4.02
CA GLN A 1 11.99 29.57 2.76
C GLN A 1 11.03 28.49 2.24
N THR A 2 10.70 27.49 3.07
CA THR A 2 9.86 26.37 2.63
C THR A 2 10.34 25.82 1.28
N GLN A 3 11.62 25.51 1.22
CA GLN A 3 12.25 25.02 -0.01
C GLN A 3 11.77 23.61 -0.32
N VAL A 4 11.34 23.41 -1.56
CA VAL A 4 10.84 22.11 -2.02
C VAL A 4 11.91 21.37 -2.85
N LEU A 5 12.72 20.57 -2.16
CA LEU A 5 13.77 19.75 -2.77
C LEU A 5 13.23 18.72 -3.77
N PHE A 6 13.64 18.86 -5.03
CA PHE A 6 13.29 17.92 -6.07
C PHE A 6 14.55 17.18 -6.51
N GLU A 7 14.61 15.87 -6.27
CA GLU A 7 15.74 15.06 -6.73
C GLU A 7 15.33 14.44 -8.04
N HIS A 8 16.21 14.48 -9.05
CA HIS A 8 15.88 13.88 -10.35
C HIS A 8 17.01 13.01 -10.90
N PRO A 9 16.73 11.71 -11.14
CA PRO A 9 17.73 10.76 -11.62
C PRO A 9 18.00 10.87 -13.14
N LEU A 10 19.17 11.38 -13.50
CA LEU A 10 19.47 11.71 -14.90
C LEU A 10 19.86 10.52 -15.74
N ASN A 11 20.24 9.42 -15.10
CA ASN A 11 20.63 8.21 -15.82
C ASN A 11 19.78 7.03 -15.37
N GLU A 12 19.92 5.93 -16.11
CA GLU A 12 19.04 4.80 -15.92
C GLU A 12 19.37 4.11 -14.58
N LYS A 13 20.63 4.21 -14.16
CA LYS A 13 21.15 3.57 -12.95
C LYS A 13 20.78 4.29 -11.64
N MET A 14 20.74 5.62 -11.68
CA MET A 14 20.29 6.40 -10.54
C MET A 14 18.81 6.21 -10.36
N ARG A 15 18.10 6.18 -11.47
CA ARG A 15 16.67 5.92 -11.45
C ARG A 15 16.39 4.66 -10.62
N THR A 16 17.22 3.64 -10.82
CA THR A 16 17.11 2.38 -10.09
C THR A 16 17.43 2.47 -8.59
N TRP A 17 18.50 3.16 -8.23
CA TRP A 17 18.89 3.23 -6.82
C TRP A 17 17.87 4.00 -5.96
N LEU A 18 17.31 5.07 -6.52
CA LEU A 18 16.20 5.79 -5.89
C LEU A 18 14.98 4.91 -5.67
N ARG A 19 14.65 4.07 -6.65
CA ARG A 19 13.53 3.15 -6.51
C ARG A 19 13.76 2.19 -5.36
N ILE A 20 14.98 1.67 -5.28
CA ILE A 20 15.37 0.76 -4.21
C ILE A 20 15.39 1.48 -2.87
N GLU A 21 16.16 2.57 -2.76
CA GLU A 21 16.24 3.31 -1.49
C GLU A 21 14.87 3.68 -0.98
N PHE A 22 13.95 4.02 -1.89
CA PHE A 22 12.63 4.47 -1.46
C PHE A 22 11.76 3.32 -0.94
N LEU A 23 11.85 2.17 -1.60
CA LEU A 23 11.04 1.00 -1.23
C LEU A 23 11.46 0.47 0.16
N ILE A 24 12.76 0.36 0.40
CA ILE A 24 13.29 -0.02 1.72
C ILE A 24 12.82 0.93 2.82
N GLN A 25 13.00 2.23 2.62
CA GLN A 25 12.47 3.22 3.57
C GLN A 25 11.00 2.94 3.92
N GLN A 26 10.22 2.53 2.92
CA GLN A 26 8.82 2.17 3.12
C GLN A 26 8.59 0.85 3.90
N LEU A 27 9.63 0.04 4.07
CA LEU A 27 9.57 -1.09 5.02
C LEU A 27 9.61 -0.54 6.44
N THR A 28 10.77 0.02 6.78
CA THR A 28 11.13 0.37 8.15
C THR A 28 10.34 1.56 8.70
N VAL A 29 9.56 2.23 7.84
CA VAL A 29 8.83 3.44 8.26
C VAL A 29 7.79 3.16 9.32
N ASN A 30 6.87 2.25 9.07
CA ASN A 30 5.77 2.03 10.02
C ASN A 30 6.20 1.23 11.25
N LEU A 31 6.77 0.04 11.03
CA LEU A 31 7.56 -0.74 12.03
C LEU A 31 6.85 -1.79 12.94
N PRO A 32 5.80 -1.41 13.73
CA PRO A 32 5.27 -2.48 14.58
C PRO A 32 4.37 -3.52 13.86
N ILE A 33 3.71 -3.13 12.77
CA ILE A 33 2.84 -4.02 11.98
C ILE A 33 1.63 -4.45 12.79
N VAL A 34 0.90 -3.47 13.30
CA VAL A 34 -0.28 -3.73 14.14
C VAL A 34 -1.50 -4.06 13.27
N ASP A 35 -1.69 -3.28 12.21
CA ASP A 35 -2.90 -3.35 11.39
C ASP A 35 -2.74 -4.26 10.16
N HIS A 36 -3.86 -4.42 9.46
CA HIS A 36 -3.89 -5.07 8.15
C HIS A 36 -3.20 -4.16 7.13
N ALA A 37 -3.58 -2.89 7.16
CA ALA A 37 -2.92 -1.85 6.38
C ALA A 37 -1.43 -1.96 6.57
N GLY A 38 -1.00 -1.86 7.84
CA GLY A 38 0.41 -1.98 8.23
C GLY A 38 1.08 -3.20 7.62
N ALA A 39 0.30 -4.28 7.46
CA ALA A 39 0.79 -5.46 6.77
C ALA A 39 0.96 -5.21 5.28
N LEU A 40 -0.15 -4.91 4.62
CA LEU A 40 -0.20 -4.85 3.16
C LEU A 40 0.78 -3.82 2.62
N HIS A 41 0.92 -2.70 3.33
CA HIS A 41 1.95 -1.71 3.03
C HIS A 41 3.36 -2.31 3.02
N PHE A 42 3.67 -3.12 4.03
CA PHE A 42 4.97 -3.79 4.11
C PHE A 42 5.11 -4.87 3.04
N PHE A 43 4.14 -5.78 2.95
CA PHE A 43 4.23 -6.89 2.00
C PHE A 43 4.20 -6.42 0.54
N ARG A 44 3.40 -5.40 0.25
CA ARG A 44 3.34 -4.86 -1.10
C ARG A 44 4.67 -4.21 -1.49
N ASN A 45 5.28 -3.49 -0.55
CA ASN A 45 6.58 -2.91 -0.81
C ASN A 45 7.54 -4.00 -1.26
N VAL A 46 7.66 -5.05 -0.46
CA VAL A 46 8.59 -6.14 -0.74
C VAL A 46 8.29 -6.72 -2.10
N SER A 47 7.02 -7.01 -2.34
CA SER A 47 6.60 -7.52 -3.63
C SER A 47 7.24 -6.70 -4.74
N GLU A 48 6.97 -5.40 -4.73
CA GLU A 48 7.49 -4.51 -5.77
C GLU A 48 9.02 -4.51 -5.77
N LEU A 49 9.62 -4.45 -4.58
CA LEU A 49 11.08 -4.49 -4.44
C LEU A 49 11.70 -5.74 -5.08
N LEU A 50 11.03 -6.87 -4.95
CA LEU A 50 11.48 -8.12 -5.56
C LEU A 50 11.43 -8.10 -7.08
N ASP A 51 10.48 -7.36 -7.63
CA ASP A 51 10.28 -7.28 -9.08
C ASP A 51 11.34 -6.41 -9.77
N VAL A 52 11.97 -5.51 -9.01
CA VAL A 52 13.03 -4.64 -9.53
C VAL A 52 14.33 -5.44 -9.61
N PHE A 53 14.62 -6.23 -8.58
CA PHE A 53 15.84 -7.06 -8.54
C PHE A 53 15.94 -8.02 -9.73
N GLU A 54 14.81 -8.59 -10.17
CA GLU A 54 14.82 -9.49 -11.34
C GLU A 54 15.12 -8.74 -12.65
N ARG A 55 15.81 -7.60 -12.55
CA ARG A 55 16.22 -6.82 -13.72
C ARG A 55 17.60 -6.19 -13.50
N GLY A 56 18.49 -6.34 -14.48
CA GLY A 56 19.75 -5.56 -14.54
C GLY A 56 20.89 -5.91 -13.59
N GLU A 57 20.63 -6.73 -12.57
CA GLU A 57 21.62 -7.08 -11.54
C GLU A 57 22.21 -5.87 -10.81
N VAL A 58 21.53 -5.45 -9.74
CA VAL A 58 22.00 -4.34 -8.91
C VAL A 58 23.28 -4.68 -8.14
N ARG A 59 23.50 -5.94 -7.84
CA ARG A 59 24.74 -6.39 -7.19
C ARG A 59 25.94 -5.95 -8.01
N THR A 60 25.94 -6.32 -9.29
CA THR A 60 27.05 -6.03 -10.19
C THR A 60 27.03 -4.61 -10.77
N GLU A 61 25.97 -3.83 -10.47
CA GLU A 61 25.92 -2.39 -10.80
C GLU A 61 26.36 -1.49 -9.64
N LEU A 62 25.86 -1.78 -8.44
CA LEU A 62 26.18 -1.00 -7.24
C LEU A 62 27.65 -1.10 -6.92
N LEU A 63 28.19 -2.33 -6.96
CA LEU A 63 29.63 -2.56 -6.71
C LEU A 63 30.51 -1.67 -7.58
N LYS A 64 30.21 -1.62 -8.88
CA LYS A 64 30.92 -0.73 -9.79
C LYS A 64 30.85 0.74 -9.32
N GLU A 65 29.74 1.13 -8.70
CA GLU A 65 29.61 2.46 -8.08
C GLU A 65 30.32 2.58 -6.72
N LEU A 66 30.35 1.51 -5.93
CA LEU A 66 31.13 1.52 -4.68
C LEU A 66 32.62 1.56 -4.98
N ASP A 67 33.00 1.01 -6.13
CA ASP A 67 34.38 1.03 -6.58
C ASP A 67 34.73 2.42 -7.10
N ARG A 68 33.75 3.10 -7.67
CA ARG A 68 33.95 4.43 -8.24
C ARG A 68 34.22 5.49 -7.17
N GLN A 69 33.29 5.62 -6.21
CA GLN A 69 33.39 6.61 -5.14
C GLN A 69 34.64 6.45 -4.29
N GLN A 70 35.12 5.22 -4.15
CA GLN A 70 36.35 4.96 -3.42
C GLN A 70 37.50 5.73 -4.07
N ARG A 71 37.61 5.61 -5.39
CA ARG A 71 38.66 6.27 -6.16
C ARG A 71 38.52 7.81 -6.22
N LYS A 72 37.27 8.28 -6.12
CA LYS A 72 36.96 9.71 -6.08
C LYS A 72 37.52 10.33 -4.80
N LEU A 73 37.23 9.71 -3.65
CA LEU A 73 37.76 10.16 -2.37
C LEU A 73 39.28 10.14 -2.36
N GLN A 74 39.86 9.17 -3.06
CA GLN A 74 41.31 9.01 -3.14
C GLN A 74 42.01 10.16 -3.85
N THR A 75 41.26 10.99 -4.56
CA THR A 75 41.83 12.16 -5.20
C THR A 75 42.24 13.16 -4.13
N TRP A 76 41.32 13.42 -3.20
CA TRP A 76 41.53 14.46 -2.19
C TRP A 76 42.71 14.19 -1.24
N ILE A 77 43.10 12.92 -1.11
CA ILE A 77 44.06 12.50 -0.09
C ILE A 77 45.46 13.09 -0.25
N GLY A 78 45.83 13.43 -1.47
CA GLY A 78 47.17 13.97 -1.75
C GLY A 78 47.58 15.18 -0.92
N VAL A 79 46.63 16.08 -0.65
CA VAL A 79 46.89 17.44 -0.13
C VAL A 79 45.57 18.22 -0.29
N PRO A 80 45.40 19.36 0.42
CA PRO A 80 46.17 20.05 1.45
C PRO A 80 45.59 19.88 2.86
N GLY A 81 45.89 20.81 3.76
CA GLY A 81 45.42 20.81 5.15
C GLY A 81 44.07 20.18 5.44
N VAL A 82 43.10 20.32 4.53
CA VAL A 82 41.77 19.72 4.70
C VAL A 82 41.76 18.18 4.69
N ASP A 83 41.17 17.60 5.73
CA ASP A 83 40.92 16.15 5.85
C ASP A 83 42.11 15.26 5.49
N GLN A 84 42.20 14.12 6.16
CA GLN A 84 43.19 13.11 5.83
C GLN A 84 42.76 11.76 6.43
N SER A 85 42.90 11.61 7.75
CA SER A 85 42.49 10.40 8.46
C SER A 85 40.99 10.13 8.37
N ARG A 86 40.19 11.21 8.36
CA ARG A 86 38.74 11.12 8.44
C ARG A 86 38.16 10.54 7.14
N ILE A 87 38.88 10.73 6.04
CA ILE A 87 38.52 10.20 4.73
C ILE A 87 39.11 8.80 4.53
N GLU A 88 40.36 8.62 4.95
CA GLU A 88 40.98 7.30 5.01
C GLU A 88 40.12 6.33 5.80
N ALA A 89 39.58 6.78 6.92
CA ALA A 89 38.70 5.98 7.77
C ALA A 89 37.35 5.71 7.09
N LEU A 90 36.84 6.67 6.33
CA LEU A 90 35.62 6.48 5.53
C LEU A 90 35.82 5.37 4.49
N ILE A 91 36.94 5.43 3.75
CA ILE A 91 37.23 4.45 2.72
C ILE A 91 37.11 3.00 3.23
N GLN A 92 37.42 2.79 4.50
CA GLN A 92 37.28 1.47 5.13
C GLN A 92 35.81 1.03 5.25
N GLN A 93 34.91 1.99 5.41
CA GLN A 93 33.48 1.68 5.39
C GLN A 93 33.00 1.26 3.99
N LEU A 94 33.54 1.88 2.94
CA LEU A 94 33.18 1.55 1.56
C LEU A 94 33.79 0.22 1.10
N LYS A 95 34.97 -0.11 1.60
CA LYS A 95 35.52 -1.42 1.38
C LYS A 95 34.64 -2.44 2.10
N ALA A 96 34.16 -2.07 3.29
CA ALA A 96 33.33 -2.95 4.14
C ALA A 96 31.94 -3.23 3.56
N ALA A 97 31.14 -2.19 3.39
CA ALA A 97 29.85 -2.34 2.71
C ALA A 97 30.02 -3.08 1.39
N GLY A 98 31.13 -2.80 0.69
CA GLY A 98 31.43 -3.41 -0.61
C GLY A 98 31.64 -4.91 -0.57
N SER A 99 32.47 -5.38 0.36
CA SER A 99 32.72 -6.82 0.50
C SER A 99 31.55 -7.51 1.21
N VAL A 100 31.09 -6.95 2.33
CA VAL A 100 29.91 -7.48 3.03
C VAL A 100 28.85 -7.83 2.00
N LEU A 101 28.60 -6.91 1.08
CA LEU A 101 27.68 -7.12 -0.03
C LEU A 101 28.18 -8.23 -0.95
N ILE A 102 29.39 -8.09 -1.49
CA ILE A 102 29.86 -9.05 -2.50
C ILE A 102 29.76 -10.50 -1.99
N SER A 103 29.74 -10.66 -0.68
CA SER A 103 29.51 -11.97 -0.06
C SER A 103 28.24 -11.96 0.78
N ALA A 104 27.08 -11.99 0.13
CA ALA A 104 25.79 -11.99 0.83
C ALA A 104 24.76 -12.86 0.11
N PRO A 105 23.78 -13.41 0.85
CA PRO A 105 22.77 -14.26 0.22
C PRO A 105 22.06 -13.54 -0.93
N ARG A 106 22.11 -14.13 -2.13
CA ARG A 106 21.54 -13.55 -3.37
C ARG A 106 20.27 -12.75 -3.09
N ILE A 107 20.34 -11.45 -3.39
CA ILE A 107 19.40 -10.46 -2.88
C ILE A 107 17.98 -10.72 -3.36
N GLY A 108 17.09 -10.95 -2.39
CA GLY A 108 15.69 -11.28 -2.66
C GLY A 108 15.29 -12.62 -2.06
N GLN A 109 16.17 -13.62 -2.16
CA GLN A 109 15.79 -15.00 -1.85
C GLN A 109 15.10 -15.18 -0.53
N PHE A 110 15.62 -14.60 0.56
CA PHE A 110 14.99 -14.79 1.87
C PHE A 110 13.55 -14.31 1.95
N LEU A 111 13.15 -13.42 1.03
CA LEU A 111 11.77 -12.91 0.99
C LEU A 111 10.89 -13.61 -0.06
N ARG A 112 11.51 -14.25 -1.07
CA ARG A 112 10.78 -15.10 -2.02
C ARG A 112 10.58 -16.49 -1.45
N GLU A 113 11.61 -17.01 -0.76
CA GLU A 113 11.56 -18.35 -0.18
C GLU A 113 10.59 -18.37 1.01
N ASP A 114 10.62 -17.32 1.83
CA ASP A 114 9.67 -17.22 2.93
C ASP A 114 8.26 -17.32 2.35
N ARG A 115 7.43 -18.20 2.92
CA ARG A 115 6.18 -18.65 2.25
C ARG A 115 5.07 -17.61 2.26
N LEU A 116 4.76 -17.08 3.44
CA LEU A 116 3.67 -16.10 3.63
C LEU A 116 3.68 -14.96 2.62
N ILE A 117 4.87 -14.51 2.25
CA ILE A 117 5.06 -13.35 1.36
C ILE A 117 4.72 -13.70 -0.11
N ALA A 118 5.37 -14.72 -0.66
CA ALA A 118 5.11 -15.14 -2.06
C ALA A 118 3.65 -15.50 -2.30
N LEU A 119 2.99 -15.99 -1.25
CA LEU A 119 1.55 -16.23 -1.30
C LEU A 119 0.86 -14.88 -1.52
N VAL A 120 1.06 -13.96 -0.59
CA VAL A 120 0.48 -12.62 -0.68
C VAL A 120 0.83 -11.98 -2.01
N ARG A 121 2.06 -12.16 -2.47
CA ARG A 121 2.55 -11.51 -3.68
C ARG A 121 1.87 -11.95 -4.99
N GLN A 122 1.44 -13.21 -5.07
CA GLN A 122 0.72 -13.67 -6.26
C GLN A 122 -0.74 -13.21 -6.28
N ARG A 123 -1.23 -12.71 -5.13
CA ARG A 123 -2.60 -12.21 -5.02
C ARG A 123 -2.72 -10.69 -5.16
N LEU A 124 -1.60 -9.97 -5.08
CA LEU A 124 -1.62 -8.49 -5.09
C LEU A 124 -2.19 -7.90 -6.37
N SER A 125 -1.82 -8.48 -7.51
CA SER A 125 -2.30 -8.02 -8.81
C SER A 125 -3.83 -7.98 -8.91
N ILE A 126 -4.51 -8.76 -8.06
CA ILE A 126 -5.97 -8.69 -7.93
C ILE A 126 -6.34 -7.54 -7.00
N PRO A 127 -7.30 -6.70 -7.40
CA PRO A 127 -7.75 -5.60 -6.54
C PRO A 127 -8.58 -6.08 -5.34
N GLY A 128 -8.11 -5.79 -4.14
CA GLY A 128 -8.80 -6.18 -2.93
C GLY A 128 -8.79 -7.68 -2.67
N GLY A 129 -7.86 -8.39 -3.31
CA GLY A 129 -7.69 -9.82 -3.12
C GLY A 129 -6.92 -10.13 -1.85
N CYS A 130 -6.27 -9.12 -1.28
CA CYS A 130 -5.50 -9.29 -0.07
C CYS A 130 -6.44 -9.23 1.12
N CYS A 131 -7.47 -10.05 1.05
CA CYS A 131 -8.61 -9.97 1.94
C CYS A 131 -8.68 -11.22 2.82
N SER A 132 -9.25 -11.06 4.00
CA SER A 132 -9.26 -12.13 4.99
C SER A 132 -9.74 -13.47 4.41
N PHE A 133 -10.73 -13.44 3.52
CA PHE A 133 -11.28 -14.68 2.96
C PHE A 133 -10.43 -15.27 1.80
N ASP A 134 -9.69 -14.44 1.10
CA ASP A 134 -8.75 -14.90 0.06
C ASP A 134 -7.34 -15.22 0.60
N LEU A 135 -6.98 -14.64 1.74
CA LEU A 135 -5.70 -14.92 2.38
C LEU A 135 -5.86 -14.99 3.89
N PRO A 136 -6.61 -16.02 4.38
CA PRO A 136 -6.81 -16.17 5.82
C PRO A 136 -5.50 -16.38 6.59
N THR A 137 -4.52 -16.98 5.92
CA THR A 137 -3.19 -17.15 6.46
C THR A 137 -2.50 -15.87 6.96
N LEU A 138 -2.92 -14.71 6.44
CA LEU A 138 -2.40 -13.42 6.93
C LEU A 138 -3.20 -12.92 8.13
N HIS A 139 -4.47 -13.31 8.19
CA HIS A 139 -5.36 -12.93 9.29
C HIS A 139 -4.83 -13.46 10.61
N ILE A 140 -4.40 -14.73 10.60
CA ILE A 140 -3.82 -15.35 11.79
C ILE A 140 -2.49 -14.68 12.12
N TRP A 141 -1.61 -14.58 11.13
CA TRP A 141 -0.35 -13.84 11.32
C TRP A 141 -0.56 -12.46 11.94
N LEU A 142 -1.66 -11.79 11.58
CA LEU A 142 -2.03 -10.51 12.18
C LEU A 142 -2.83 -10.63 13.49
N HIS A 143 -3.19 -11.87 13.83
CA HIS A 143 -3.79 -12.20 15.13
C HIS A 143 -2.78 -12.82 16.10
N LEU A 144 -1.61 -13.23 15.59
CA LEU A 144 -0.54 -13.78 16.43
C LEU A 144 -0.16 -12.81 17.56
N PRO A 145 0.54 -13.31 18.60
CA PRO A 145 0.89 -12.42 19.69
C PRO A 145 1.73 -11.19 19.30
N GLN A 146 1.53 -10.11 20.06
CA GLN A 146 2.17 -8.81 19.81
C GLN A 146 3.68 -8.90 19.54
N ALA A 147 4.36 -9.81 20.24
CA ALA A 147 5.81 -9.97 20.11
C ALA A 147 6.24 -10.78 18.89
N GLN A 148 5.41 -11.74 18.47
CA GLN A 148 5.82 -12.73 17.47
C GLN A 148 6.38 -12.08 16.22
N ARG A 149 5.55 -11.25 15.59
CA ARG A 149 5.84 -10.68 14.26
C ARG A 149 7.13 -9.88 14.23
N ASP A 150 7.36 -9.09 15.27
CA ASP A 150 8.52 -8.21 15.32
C ASP A 150 9.81 -8.96 14.98
N SER A 151 10.07 -10.10 15.65
CA SER A 151 11.25 -10.94 15.34
C SER A 151 11.27 -11.40 13.86
N GLN A 152 10.08 -11.64 13.32
CA GLN A 152 9.92 -12.06 11.95
C GLN A 152 10.06 -10.89 10.98
N VAL A 153 9.67 -9.69 11.43
CA VAL A 153 9.88 -8.45 10.65
C VAL A 153 11.36 -8.11 10.57
N GLU A 154 12.04 -8.16 11.72
CA GLU A 154 13.45 -7.76 11.81
C GLU A 154 14.39 -8.70 11.04
N THR A 155 13.99 -9.95 10.89
CA THR A 155 14.72 -10.87 10.02
C THR A 155 14.63 -10.40 8.57
N TRP A 156 13.40 -10.28 8.05
CA TRP A 156 13.14 -9.81 6.67
C TRP A 156 13.84 -8.48 6.31
N ILE A 157 13.98 -7.61 7.30
CA ILE A 157 14.73 -6.38 7.15
C ILE A 157 16.23 -6.68 7.01
N ALA A 158 16.80 -7.40 7.99
CA ALA A 158 18.22 -7.73 7.98
C ALA A 158 18.64 -8.54 6.77
N SER A 159 17.75 -9.38 6.26
CA SER A 159 17.97 -10.03 4.96
C SER A 159 18.56 -9.01 4.00
N LEU A 160 17.92 -7.85 3.94
CA LEU A 160 18.33 -6.73 3.08
C LEU A 160 19.32 -5.73 3.73
N ASN A 161 20.02 -6.11 4.79
CA ASN A 161 21.02 -5.20 5.41
C ASN A 161 22.29 -4.96 4.59
N PRO A 162 22.83 -6.02 3.96
CA PRO A 162 23.96 -5.82 3.04
C PRO A 162 23.71 -4.74 1.99
N LEU A 163 22.55 -4.77 1.34
CA LEU A 163 22.25 -3.81 0.29
C LEU A 163 22.01 -2.41 0.85
N THR A 164 21.12 -2.32 1.84
CA THR A 164 20.84 -1.05 2.49
C THR A 164 22.08 -0.32 3.02
N GLN A 165 23.01 -1.08 3.59
CA GLN A 165 24.31 -0.57 4.05
C GLN A 165 25.13 -0.02 2.88
N ALA A 166 25.12 -0.75 1.76
CA ALA A 166 25.87 -0.39 0.57
C ALA A 166 25.27 0.83 -0.11
N LEU A 167 23.97 0.77 -0.36
CA LEU A 167 23.27 1.82 -1.09
C LEU A 167 23.34 3.13 -0.32
N THR A 168 22.69 3.18 0.83
CA THR A 168 22.52 4.43 1.56
C THR A 168 23.79 5.28 1.52
N MET A 169 24.97 4.64 1.63
CA MET A 169 26.24 5.36 1.61
C MET A 169 26.56 5.92 0.22
N VAL A 170 26.39 5.10 -0.81
CA VAL A 170 26.66 5.51 -2.19
C VAL A 170 25.82 6.71 -2.59
N LEU A 171 24.54 6.68 -2.22
CA LEU A 171 23.66 7.81 -2.48
C LEU A 171 24.03 9.04 -1.65
N ASP A 172 24.39 8.83 -0.38
CA ASP A 172 24.75 9.96 0.48
C ASP A 172 26.11 10.54 0.13
N LEU A 173 27.00 9.73 -0.42
CA LEU A 173 28.27 10.24 -0.96
C LEU A 173 28.00 11.03 -2.25
N ILE A 174 27.06 10.56 -3.06
CA ILE A 174 26.68 11.21 -4.31
C ILE A 174 25.94 12.52 -4.10
N ARG A 175 25.04 12.57 -3.10
CA ARG A 175 24.40 13.81 -2.67
C ARG A 175 25.31 14.72 -1.83
N GLN A 176 26.62 14.43 -1.83
CA GLN A 176 27.62 15.32 -1.22
C GLN A 176 28.64 15.84 -2.23
N SER A 177 28.89 15.09 -3.30
CA SER A 177 29.97 15.43 -4.22
C SER A 177 29.71 16.70 -5.04
N ALA A 178 28.62 17.42 -4.77
CA ALA A 178 28.33 18.67 -5.48
C ALA A 178 27.45 19.65 -4.68
N PRO A 179 27.64 20.97 -4.89
CA PRO A 179 26.91 22.05 -4.21
C PRO A 179 25.77 22.69 -5.02
N PHE A 180 25.02 23.56 -4.35
CA PHE A 180 23.82 24.21 -4.90
C PHE A 180 24.11 25.55 -5.60
N ARG A 181 24.25 25.54 -6.92
CA ARG A 181 24.42 26.77 -7.70
C ARG A 181 23.07 27.44 -7.90
N LYS A 182 23.05 28.78 -7.94
CA LYS A 182 21.81 29.55 -8.13
C LYS A 182 21.63 29.93 -9.60
N GLN A 183 20.50 29.55 -10.18
CA GLN A 183 20.23 29.71 -11.61
C GLN A 183 18.86 30.35 -11.85
N THR A 184 18.62 30.81 -13.08
CA THR A 184 17.39 31.54 -13.44
C THR A 184 16.62 30.89 -14.61
N SER A 185 15.30 31.04 -14.63
CA SER A 185 14.45 30.42 -15.67
C SER A 185 13.44 31.37 -16.33
N LEU A 186 13.65 31.65 -17.62
CA LEU A 186 12.78 32.58 -18.37
C LEU A 186 11.64 31.84 -19.05
N ASN A 187 10.41 32.33 -18.88
CA ASN A 187 9.22 31.70 -19.45
C ASN A 187 9.06 30.28 -18.89
N GLY A 188 9.45 30.11 -17.63
CA GLY A 188 9.52 28.79 -16.98
C GLY A 188 10.31 27.75 -17.75
N PHE A 189 11.57 28.04 -18.05
CA PHE A 189 12.37 27.14 -18.87
C PHE A 189 13.85 27.16 -18.46
N TYR A 190 14.51 26.02 -18.62
CA TYR A 190 15.92 25.88 -18.29
C TYR A 190 16.57 24.76 -19.09
N GLN A 191 17.85 24.96 -19.44
CA GLN A 191 18.65 23.93 -20.13
C GLN A 191 20.09 24.05 -19.66
N ASP A 192 20.76 22.91 -19.57
CA ASP A 192 22.12 22.84 -19.05
C ASP A 192 22.61 21.43 -19.28
N ASN A 193 23.92 21.23 -19.25
CA ASN A 193 24.47 19.90 -19.44
C ASN A 193 24.84 19.33 -18.07
N GLY A 194 24.55 18.05 -17.89
CA GLY A 194 24.84 17.34 -16.64
C GLY A 194 26.28 16.86 -16.55
N GLY A 195 26.83 16.45 -17.70
CA GLY A 195 28.20 15.98 -17.77
C GLY A 195 28.43 14.68 -17.01
N ASP A 196 29.29 14.73 -16.00
CA ASP A 196 29.63 13.55 -15.19
C ASP A 196 28.53 13.21 -14.16
N ALA A 197 27.57 14.12 -14.01
CA ALA A 197 26.63 14.09 -12.87
C ALA A 197 25.62 12.95 -12.92
N ASP A 198 25.42 12.33 -11.76
CA ASP A 198 24.45 11.25 -11.62
C ASP A 198 23.05 11.80 -11.32
N LEU A 199 22.98 12.95 -10.64
CA LEU A 199 21.73 13.49 -10.09
C LEU A 199 21.46 14.97 -10.37
N LEU A 200 20.21 15.39 -10.19
CA LEU A 200 19.87 16.79 -10.05
C LEU A 200 19.13 17.01 -8.74
N ARG A 201 19.81 17.59 -7.77
CA ARG A 201 19.15 18.12 -6.59
C ARG A 201 18.82 19.57 -6.95
N LEU A 202 17.56 19.93 -6.73
CA LEU A 202 16.98 21.17 -7.25
C LEU A 202 16.02 21.73 -6.22
N ASN A 203 16.41 22.81 -5.57
CA ASN A 203 15.55 23.47 -4.58
C ASN A 203 14.75 24.61 -5.20
N LEU A 204 13.49 24.33 -5.50
CA LEU A 204 12.52 25.37 -5.81
C LEU A 204 12.27 26.21 -4.53
N SER A 205 11.18 26.98 -4.51
CA SER A 205 10.93 27.86 -3.39
C SER A 205 9.49 27.74 -2.87
N LEU A 206 9.29 28.34 -1.70
CA LEU A 206 8.01 28.40 -0.98
C LEU A 206 6.77 28.15 -1.82
N ASP A 207 6.67 26.94 -2.34
CA ASP A 207 5.53 26.57 -3.15
C ASP A 207 5.15 27.74 -4.03
N SER A 208 5.97 28.00 -5.04
CA SER A 208 5.66 29.03 -6.04
C SER A 208 4.61 28.52 -7.01
N GLN A 209 3.79 27.56 -6.55
CA GLN A 209 2.71 26.97 -7.32
C GLN A 209 3.27 26.23 -8.52
N LEU A 210 4.47 25.67 -8.36
CA LEU A 210 5.23 25.09 -9.46
C LEU A 210 5.99 23.81 -9.10
N TYR A 211 5.94 22.84 -10.02
CA TYR A 211 6.80 21.67 -9.99
C TYR A 211 7.65 21.63 -11.26
N PRO A 212 8.88 21.14 -11.14
CA PRO A 212 9.78 21.07 -12.28
C PRO A 212 9.48 19.85 -13.11
N GLN A 213 9.46 19.98 -14.42
CA GLN A 213 9.31 18.79 -15.25
C GLN A 213 10.56 18.57 -16.10
N ILE A 214 11.47 17.77 -15.54
CA ILE A 214 12.78 17.53 -16.11
C ILE A 214 12.67 16.48 -17.21
N SER A 215 13.34 16.74 -18.33
CA SER A 215 13.47 15.78 -19.41
C SER A 215 14.95 15.60 -19.74
N GLY A 216 15.26 14.76 -20.72
CA GLY A 216 16.65 14.44 -21.02
C GLY A 216 16.93 13.98 -22.43
N HIS A 217 18.14 14.30 -22.88
CA HIS A 217 18.65 13.89 -24.17
C HIS A 217 20.12 13.59 -23.90
N LYS A 218 20.42 12.31 -23.67
CA LYS A 218 21.78 11.89 -23.32
C LYS A 218 22.14 12.47 -21.94
N SER A 219 23.28 13.15 -21.84
CA SER A 219 23.67 13.81 -20.58
C SER A 219 23.12 15.22 -20.46
N ARG A 220 22.54 15.73 -21.56
CA ARG A 220 21.86 17.02 -21.52
C ARG A 220 20.49 16.84 -20.86
N PHE A 221 20.08 17.84 -20.08
CA PHE A 221 18.78 17.84 -19.44
C PHE A 221 18.15 19.21 -19.58
N ALA A 222 16.82 19.24 -19.58
CA ALA A 222 16.05 20.48 -19.71
C ALA A 222 14.89 20.47 -18.70
N ILE A 223 14.60 21.62 -18.11
CA ILE A 223 13.49 21.72 -17.18
C ILE A 223 12.40 22.61 -17.78
N ARG A 224 11.20 22.03 -17.89
CA ARG A 224 10.00 22.80 -18.22
C ARG A 224 9.21 22.95 -16.91
N PHE A 225 9.32 24.12 -16.29
CA PHE A 225 8.62 24.39 -15.03
C PHE A 225 7.12 24.54 -15.28
N MET A 226 6.34 23.63 -14.68
CA MET A 226 4.89 23.63 -14.82
C MET A 226 4.24 24.07 -13.51
N PRO A 227 3.10 24.79 -13.61
CA PRO A 227 2.43 25.29 -12.42
C PRO A 227 1.36 24.33 -11.95
N LEU A 228 0.79 24.63 -10.79
CA LEU A 228 -0.38 23.90 -10.31
C LEU A 228 -1.64 24.38 -11.04
N ASP A 229 -2.58 23.46 -11.25
CA ASP A 229 -3.88 23.79 -11.84
C ASP A 229 -3.82 24.39 -13.27
N THR A 230 -3.55 23.51 -14.26
CA THR A 230 -4.00 23.64 -15.67
C THR A 230 -4.29 25.06 -16.21
N GLU A 231 -5.39 25.23 -16.96
CA GLU A 231 -5.85 26.56 -17.41
C GLU A 231 -6.52 27.34 -16.27
N ASN A 232 -5.70 27.76 -15.32
CA ASN A 232 -6.15 28.49 -14.13
C ASN A 232 -5.01 29.30 -13.55
N GLY A 233 -4.04 28.61 -12.95
CA GLY A 233 -2.98 29.25 -12.16
C GLY A 233 -1.62 29.20 -12.83
N GLN A 234 -1.59 29.50 -14.13
CA GLN A 234 -0.34 29.58 -14.87
C GLN A 234 0.43 30.82 -14.42
N VAL A 235 1.60 30.60 -13.83
CA VAL A 235 2.45 31.68 -13.33
C VAL A 235 3.95 31.31 -13.52
N PRO A 236 4.42 31.30 -14.79
CA PRO A 236 5.81 30.94 -15.07
C PRO A 236 6.82 32.10 -15.19
N GLU A 237 6.36 33.28 -15.63
CA GLU A 237 7.16 34.54 -15.68
C GLU A 237 8.68 34.39 -15.96
N ARG A 238 9.53 35.08 -15.20
CA ARG A 238 10.92 34.67 -15.00
C ARG A 238 11.05 34.10 -13.58
N LEU A 239 11.48 32.84 -13.48
CA LEU A 239 11.56 32.14 -12.19
C LEU A 239 12.99 32.00 -11.69
N ASP A 240 13.18 32.12 -10.38
CA ASP A 240 14.53 32.08 -9.79
C ASP A 240 14.73 30.93 -8.78
N PHE A 241 15.36 29.86 -9.25
CA PHE A 241 15.51 28.61 -8.49
C PHE A 241 16.97 28.30 -8.38
N GLU A 242 17.32 27.33 -7.53
CA GLU A 242 18.71 26.86 -7.44
C GLU A 242 18.88 25.35 -7.50
N LEU A 243 19.97 24.92 -8.12
CA LEU A 243 20.18 23.54 -8.54
C LEU A 243 21.50 22.99 -8.03
N ALA A 244 21.60 21.66 -8.05
CA ALA A 244 22.84 20.97 -7.71
C ALA A 244 23.03 19.76 -8.62
N CYS A 245 24.09 19.78 -9.44
CA CYS A 245 24.46 18.64 -10.25
C CYS A 245 25.30 17.73 -9.38
N CYS A 246 24.66 16.69 -8.85
CA CYS A 246 25.32 15.76 -7.95
C CYS A 246 25.60 14.44 -8.64
N GLN B 1 -9.46 -17.04 27.14
CA GLN B 1 -8.77 -17.80 26.05
C GLN B 1 -8.81 -17.01 24.75
N THR B 2 -8.04 -17.44 23.76
CA THR B 2 -7.90 -16.74 22.48
C THR B 2 -8.98 -17.14 21.45
N GLN B 3 -9.44 -16.17 20.66
CA GLN B 3 -10.56 -16.33 19.73
C GLN B 3 -10.29 -15.56 18.44
N VAL B 4 -10.70 -16.11 17.29
CA VAL B 4 -10.55 -15.45 15.98
C VAL B 4 -11.75 -15.72 15.07
N LEU B 5 -12.32 -14.65 14.49
CA LEU B 5 -13.40 -14.78 13.49
C LEU B 5 -12.86 -14.98 12.06
N PHE B 6 -13.58 -15.79 11.29
CA PHE B 6 -13.23 -16.05 9.90
C PHE B 6 -14.45 -15.89 9.02
N GLU B 7 -14.67 -14.69 8.49
CA GLU B 7 -15.72 -14.49 7.50
C GLU B 7 -15.30 -15.07 6.16
N HIS B 8 -16.24 -15.72 5.48
CA HIS B 8 -16.01 -16.21 4.14
C HIS B 8 -17.29 -16.14 3.32
N PRO B 9 -17.20 -15.66 2.06
CA PRO B 9 -18.38 -15.49 1.22
C PRO B 9 -18.85 -16.81 0.63
N LEU B 10 -20.17 -17.01 0.58
CA LEU B 10 -20.74 -18.21 0.01
C LEU B 10 -21.23 -17.96 -1.42
N ASN B 11 -21.07 -16.74 -1.91
CA ASN B 11 -21.47 -16.41 -3.27
C ASN B 11 -20.69 -15.22 -3.85
N GLU B 12 -20.91 -15.02 -5.14
CA GLU B 12 -20.06 -14.16 -5.96
C GLU B 12 -20.25 -12.67 -5.66
N LYS B 13 -21.38 -12.28 -5.05
CA LYS B 13 -21.64 -10.87 -4.72
C LYS B 13 -21.21 -10.49 -3.31
N MET B 14 -21.32 -11.40 -2.34
CA MET B 14 -20.78 -11.17 -0.98
C MET B 14 -19.29 -11.02 -1.04
N ARG B 15 -18.68 -11.82 -1.91
CA ARG B 15 -17.28 -11.70 -2.19
C ARG B 15 -17.00 -10.23 -2.52
N THR B 16 -17.66 -9.73 -3.55
CA THR B 16 -17.53 -8.32 -3.97
C THR B 16 -17.86 -7.34 -2.84
N TRP B 17 -18.99 -7.55 -2.17
CA TRP B 17 -19.40 -6.65 -1.08
C TRP B 17 -18.43 -6.59 0.07
N LEU B 18 -17.83 -7.73 0.42
CA LEU B 18 -16.82 -7.73 1.47
C LEU B 18 -15.51 -7.11 1.00
N ARG B 19 -15.10 -7.42 -0.23
CA ARG B 19 -13.91 -6.79 -0.82
C ARG B 19 -13.99 -5.26 -0.66
N ILE B 20 -15.15 -4.70 -1.04
CA ILE B 20 -15.37 -3.26 -0.99
C ILE B 20 -15.41 -2.74 0.44
N GLU B 21 -16.22 -3.37 1.31
CA GLU B 21 -16.27 -3.03 2.74
C GLU B 21 -14.87 -2.97 3.38
N PHE B 22 -13.99 -3.85 2.91
CA PHE B 22 -12.60 -3.83 3.36
C PHE B 22 -11.87 -2.63 2.74
N LEU B 23 -12.07 -2.42 1.44
CA LEU B 23 -11.43 -1.31 0.74
C LEU B 23 -11.85 0.06 1.29
N ILE B 24 -13.11 0.21 1.66
CA ILE B 24 -13.64 1.49 2.16
C ILE B 24 -13.14 1.82 3.56
N GLN B 25 -12.98 0.83 4.42
CA GLN B 25 -12.44 1.05 5.76
C GLN B 25 -10.99 1.50 5.73
N GLN B 26 -10.22 0.91 4.83
CA GLN B 26 -8.80 1.20 4.71
C GLN B 26 -8.48 2.67 4.39
N LEU B 27 -9.37 3.32 3.63
CA LEU B 27 -9.27 4.76 3.38
C LEU B 27 -9.02 5.53 4.65
N THR B 28 -9.69 5.10 5.73
CA THR B 28 -9.76 5.83 6.99
C THR B 28 -8.76 5.33 8.05
N VAL B 29 -7.64 4.73 7.62
CA VAL B 29 -6.78 4.00 8.56
C VAL B 29 -6.29 4.84 9.75
N ASN B 30 -5.76 6.04 9.47
CA ASN B 30 -5.25 6.95 10.50
C ASN B 30 -5.59 8.41 10.16
N LEU B 31 -5.18 8.84 8.97
CA LEU B 31 -5.67 10.08 8.37
C LEU B 31 -5.17 11.39 8.97
N PRO B 32 -3.98 11.34 9.59
CA PRO B 32 -3.13 12.44 9.28
C PRO B 32 -2.25 11.96 8.13
N ILE B 33 -2.69 12.17 6.89
CA ILE B 33 -1.81 11.95 5.72
C ILE B 33 -0.69 12.97 5.78
N VAL B 34 0.54 12.45 5.82
CA VAL B 34 1.74 13.25 6.05
C VAL B 34 2.88 12.83 5.12
N ASP B 35 3.06 11.52 4.94
CA ASP B 35 4.24 10.96 4.30
C ASP B 35 3.88 10.29 2.97
N HIS B 36 4.88 10.13 2.10
CA HIS B 36 4.79 9.31 0.89
C HIS B 36 4.00 8.04 1.17
N ALA B 37 4.38 7.34 2.24
CA ALA B 37 3.69 6.14 2.68
C ALA B 37 2.20 6.41 2.81
N GLY B 38 1.86 7.39 3.65
CA GLY B 38 0.47 7.77 3.85
C GLY B 38 -0.36 7.90 2.59
N ALA B 39 0.14 8.68 1.63
CA ALA B 39 -0.63 9.00 0.43
C ALA B 39 -0.83 7.78 -0.47
N LEU B 40 0.21 6.95 -0.60
CA LEU B 40 0.16 5.78 -1.45
C LEU B 40 -0.83 4.74 -0.92
N HIS B 41 -0.75 4.47 0.38
CA HIS B 41 -1.70 3.62 1.07
C HIS B 41 -3.13 3.99 0.70
N PHE B 42 -3.41 5.29 0.73
CA PHE B 42 -4.73 5.83 0.39
C PHE B 42 -5.11 5.56 -1.07
N PHE B 43 -4.25 5.96 -2.00
CA PHE B 43 -4.60 5.91 -3.42
C PHE B 43 -4.68 4.49 -3.94
N ARG B 44 -3.84 3.59 -3.43
CA ARG B 44 -3.92 2.18 -3.80
C ARG B 44 -5.28 1.60 -3.40
N ASN B 45 -5.68 1.86 -2.15
CA ASN B 45 -6.99 1.42 -1.69
C ASN B 45 -8.13 2.11 -2.47
N VAL B 46 -7.93 3.36 -2.91
CA VAL B 46 -8.89 4.05 -3.77
C VAL B 46 -8.90 3.47 -5.19
N SER B 47 -7.73 3.43 -5.82
CA SER B 47 -7.59 2.79 -7.12
C SER B 47 -8.19 1.39 -7.09
N GLU B 48 -7.86 0.60 -6.07
CA GLU B 48 -8.42 -0.74 -5.92
C GLU B 48 -9.94 -0.68 -5.74
N LEU B 49 -10.41 0.33 -4.99
CA LEU B 49 -11.84 0.55 -4.86
C LEU B 49 -12.42 0.78 -6.25
N LEU B 50 -11.78 1.67 -7.03
CA LEU B 50 -12.21 1.97 -8.39
C LEU B 50 -12.23 0.75 -9.31
N ASP B 51 -11.18 -0.07 -9.24
CA ASP B 51 -11.04 -1.23 -10.13
C ASP B 51 -12.26 -2.14 -10.10
N VAL B 52 -12.92 -2.22 -8.96
CA VAL B 52 -14.11 -3.05 -8.82
C VAL B 52 -15.26 -2.49 -9.64
N PHE B 53 -15.48 -1.18 -9.55
CA PHE B 53 -16.58 -0.53 -10.29
C PHE B 53 -16.33 -0.50 -11.81
N GLU B 54 -15.14 -0.94 -12.25
CA GLU B 54 -14.87 -1.17 -13.66
C GLU B 54 -15.74 -2.31 -14.16
N ARG B 55 -16.13 -3.19 -13.24
CA ARG B 55 -17.08 -4.26 -13.52
C ARG B 55 -18.22 -4.12 -12.50
N GLY B 56 -19.03 -5.17 -12.35
CA GLY B 56 -19.89 -5.34 -11.18
C GLY B 56 -21.25 -4.68 -11.19
N GLU B 57 -21.26 -3.35 -11.17
CA GLU B 57 -22.47 -2.56 -10.86
C GLU B 57 -22.88 -2.78 -9.39
N VAL B 58 -22.14 -2.13 -8.49
CA VAL B 58 -22.36 -2.27 -7.04
C VAL B 58 -23.60 -1.52 -6.55
N ARG B 59 -24.13 -0.62 -7.37
CA ARG B 59 -25.30 0.16 -6.98
C ARG B 59 -26.57 -0.67 -7.03
N THR B 60 -26.75 -1.45 -8.09
CA THR B 60 -28.03 -2.14 -8.34
C THR B 60 -28.34 -3.23 -7.33
N GLU B 61 -27.33 -3.98 -6.94
CA GLU B 61 -27.51 -5.17 -6.09
C GLU B 61 -27.61 -4.80 -4.63
N LEU B 62 -26.95 -3.72 -4.23
CA LEU B 62 -27.17 -3.13 -2.92
C LEU B 62 -28.63 -2.69 -2.77
N LEU B 63 -29.16 -2.02 -3.78
CA LEU B 63 -30.58 -1.62 -3.76
C LEU B 63 -31.47 -2.83 -3.51
N LYS B 64 -31.23 -3.88 -4.28
CA LYS B 64 -32.04 -5.09 -4.24
C LYS B 64 -31.89 -5.79 -2.89
N GLU B 65 -30.69 -5.72 -2.32
CA GLU B 65 -30.42 -6.33 -1.01
C GLU B 65 -31.08 -5.56 0.13
N LEU B 66 -31.25 -4.24 -0.04
CA LEU B 66 -31.90 -3.41 0.98
C LEU B 66 -33.38 -3.71 1.06
N ASP B 67 -34.03 -3.89 -0.09
CA ASP B 67 -35.44 -4.29 -0.14
C ASP B 67 -35.62 -5.67 0.48
N ARG B 68 -34.60 -6.52 0.35
CA ARG B 68 -34.61 -7.85 0.94
C ARG B 68 -34.71 -7.73 2.45
N GLN B 69 -33.77 -7.00 3.06
CA GLN B 69 -33.75 -6.82 4.52
C GLN B 69 -35.03 -6.18 5.05
N GLN B 70 -35.66 -5.33 4.24
CA GLN B 70 -36.97 -4.80 4.57
C GLN B 70 -37.99 -5.92 4.59
N ARG B 71 -38.08 -6.68 3.50
CA ARG B 71 -39.02 -7.81 3.42
C ARG B 71 -38.73 -8.85 4.50
N LYS B 72 -37.46 -8.99 4.88
CA LYS B 72 -37.11 -9.77 6.05
C LYS B 72 -37.73 -9.12 7.27
N LEU B 73 -37.23 -7.95 7.64
CA LEU B 73 -37.69 -7.25 8.84
C LEU B 73 -39.22 -7.22 8.90
N GLN B 74 -39.86 -7.03 7.73
CA GLN B 74 -41.31 -7.18 7.60
C GLN B 74 -41.79 -8.38 8.41
N THR B 75 -41.23 -9.54 8.11
CA THR B 75 -41.65 -10.79 8.72
C THR B 75 -41.82 -10.68 10.24
N TRP B 76 -40.84 -10.08 10.90
CA TRP B 76 -40.80 -9.97 12.36
C TRP B 76 -41.76 -8.93 12.97
N ILE B 77 -42.36 -8.07 12.15
CA ILE B 77 -42.96 -6.81 12.64
C ILE B 77 -44.20 -6.99 13.53
N GLY B 78 -45.10 -7.88 13.17
CA GLY B 78 -46.40 -8.00 13.86
C GLY B 78 -46.28 -8.55 15.26
N VAL B 79 -46.25 -9.88 15.34
CA VAL B 79 -45.84 -10.59 16.54
C VAL B 79 -44.52 -11.21 16.08
N PRO B 80 -43.65 -11.67 17.00
CA PRO B 80 -43.68 -11.82 18.46
C PRO B 80 -43.93 -10.54 19.25
N GLY B 81 -44.01 -10.68 20.57
CA GLY B 81 -44.38 -9.57 21.45
C GLY B 81 -43.22 -8.73 21.97
N VAL B 82 -42.17 -8.57 21.16
CA VAL B 82 -40.97 -7.81 21.57
C VAL B 82 -40.41 -6.93 20.44
N ASP B 83 -40.02 -5.71 20.82
CA ASP B 83 -39.42 -4.72 19.90
C ASP B 83 -40.34 -4.35 18.74
N GLN B 84 -40.95 -3.18 18.80
CA GLN B 84 -41.61 -2.59 17.63
C GLN B 84 -40.87 -1.31 17.20
N SER B 85 -40.66 -0.41 18.17
CA SER B 85 -40.00 0.88 17.92
C SER B 85 -38.67 0.76 17.18
N ARG B 86 -37.73 0.03 17.76
CA ARG B 86 -36.38 -0.09 17.22
C ARG B 86 -36.38 -0.55 15.77
N ILE B 87 -37.22 -1.53 15.46
CA ILE B 87 -37.26 -2.15 14.14
C ILE B 87 -37.86 -1.24 13.08
N GLU B 88 -38.83 -0.41 13.45
CA GLU B 88 -39.44 0.55 12.52
C GLU B 88 -38.46 1.62 12.04
N ALA B 89 -37.76 2.26 12.97
CA ALA B 89 -36.71 3.22 12.63
C ALA B 89 -35.50 2.53 11.98
N LEU B 90 -35.35 1.23 12.26
CA LEU B 90 -34.36 0.40 11.58
C LEU B 90 -34.75 0.17 10.11
N ILE B 91 -36.05 -0.05 9.85
CA ILE B 91 -36.57 -0.07 8.48
C ILE B 91 -36.42 1.31 7.84
N GLN B 92 -36.79 2.36 8.57
CA GLN B 92 -36.64 3.73 8.05
C GLN B 92 -35.19 4.15 7.88
N GLN B 93 -34.28 3.47 8.57
CA GLN B 93 -32.86 3.63 8.33
C GLN B 93 -32.48 3.07 6.95
N LEU B 94 -33.11 1.95 6.57
CA LEU B 94 -32.90 1.33 5.26
C LEU B 94 -33.57 2.11 4.12
N LYS B 95 -34.78 2.59 4.38
CA LYS B 95 -35.53 3.38 3.38
C LYS B 95 -34.74 4.61 2.93
N ALA B 96 -34.15 5.31 3.88
CA ALA B 96 -33.28 6.46 3.60
C ALA B 96 -31.92 6.02 3.04
N ALA B 97 -31.40 4.89 3.52
CA ALA B 97 -30.14 4.32 3.02
C ALA B 97 -30.31 3.93 1.57
N GLY B 98 -31.44 3.31 1.26
CA GLY B 98 -31.75 2.88 -0.09
C GLY B 98 -31.97 4.06 -0.99
N SER B 99 -32.87 4.94 -0.57
CA SER B 99 -33.25 6.14 -1.32
C SER B 99 -32.05 6.96 -1.84
N VAL B 100 -31.19 7.36 -0.90
CA VAL B 100 -30.02 8.22 -1.17
C VAL B 100 -29.02 7.72 -2.22
N LEU B 101 -28.89 6.40 -2.37
CA LEU B 101 -27.88 5.84 -3.28
C LEU B 101 -28.21 6.06 -4.77
N ILE B 102 -29.41 5.66 -5.19
CA ILE B 102 -29.74 5.70 -6.63
C ILE B 102 -29.66 7.12 -7.22
N SER B 103 -30.14 8.12 -6.48
CA SER B 103 -30.11 9.52 -6.96
C SER B 103 -28.73 10.20 -6.80
N ALA B 104 -27.82 9.57 -6.06
CA ALA B 104 -26.46 10.08 -5.88
C ALA B 104 -25.62 9.91 -7.16
N PRO B 105 -24.53 10.68 -7.30
CA PRO B 105 -23.73 10.66 -8.53
C PRO B 105 -23.18 9.28 -8.88
N ARG B 106 -22.94 9.05 -10.17
CA ARG B 106 -22.39 7.77 -10.65
C ARG B 106 -21.18 7.34 -9.81
N ILE B 107 -21.44 6.47 -8.84
CA ILE B 107 -20.49 6.15 -7.78
C ILE B 107 -19.03 5.99 -8.22
N GLY B 108 -18.15 6.75 -7.55
CA GLY B 108 -16.72 6.73 -7.82
C GLY B 108 -16.24 7.75 -8.85
N GLN B 109 -17.18 8.45 -9.49
CA GLN B 109 -16.86 9.44 -10.53
C GLN B 109 -15.93 10.52 -10.02
N PHE B 110 -16.23 11.08 -8.85
CA PHE B 110 -15.40 12.15 -8.26
C PHE B 110 -13.91 11.77 -8.23
N LEU B 111 -13.60 10.58 -7.70
CA LEU B 111 -12.21 10.16 -7.55
C LEU B 111 -11.63 9.66 -8.87
N ARG B 112 -12.46 9.00 -9.68
CA ARG B 112 -12.05 8.63 -11.03
C ARG B 112 -11.57 9.88 -11.77
N GLU B 113 -12.37 10.95 -11.70
CA GLU B 113 -12.03 12.18 -12.40
C GLU B 113 -10.86 12.90 -11.76
N ASP B 114 -10.72 12.80 -10.44
CA ASP B 114 -9.76 13.65 -9.71
C ASP B 114 -8.35 13.64 -10.29
N ARG B 115 -7.73 14.83 -10.31
CA ARG B 115 -6.48 15.05 -11.02
C ARG B 115 -5.28 14.47 -10.33
N LEU B 116 -5.15 14.77 -9.03
CA LEU B 116 -4.06 14.23 -8.23
C LEU B 116 -4.15 12.70 -8.24
N ILE B 117 -5.37 12.17 -8.13
CA ILE B 117 -5.56 10.72 -8.09
C ILE B 117 -5.31 10.11 -9.45
N ALA B 118 -5.86 10.72 -10.49
CA ALA B 118 -5.60 10.31 -11.88
C ALA B 118 -4.11 10.02 -12.11
N LEU B 119 -3.24 10.92 -11.65
CA LEU B 119 -1.82 10.76 -11.85
C LEU B 119 -1.32 9.52 -11.14
N VAL B 120 -1.58 9.45 -9.84
CA VAL B 120 -0.94 8.42 -9.04
C VAL B 120 -1.44 7.05 -9.47
N ARG B 121 -2.68 6.95 -9.92
CA ARG B 121 -3.24 5.64 -10.22
C ARG B 121 -2.62 4.95 -11.45
N GLN B 122 -2.20 5.73 -12.44
CA GLN B 122 -1.50 5.12 -13.57
C GLN B 122 -0.07 4.72 -13.21
N ARG B 123 0.49 5.32 -12.17
CA ARG B 123 1.85 5.00 -11.71
C ARG B 123 1.87 3.93 -10.59
N LEU B 124 0.70 3.43 -10.21
CA LEU B 124 0.59 2.32 -9.27
C LEU B 124 0.77 0.95 -9.96
N SER B 125 1.06 0.96 -11.27
CA SER B 125 1.28 -0.26 -12.03
C SER B 125 2.77 -0.57 -12.25
N ILE B 126 3.66 0.32 -11.83
CA ILE B 126 5.10 0.06 -11.90
C ILE B 126 5.67 -0.24 -10.51
N PRO B 127 6.54 -1.26 -10.39
CA PRO B 127 7.23 -1.51 -9.11
C PRO B 127 8.17 -0.36 -8.71
N GLY B 128 7.88 0.30 -7.59
CA GLY B 128 8.61 1.49 -7.16
C GLY B 128 8.51 2.68 -8.10
N GLY B 129 7.49 2.68 -8.97
CA GLY B 129 7.32 3.71 -9.98
C GLY B 129 6.75 4.98 -9.39
N CYS B 130 5.74 4.85 -8.55
CA CYS B 130 5.17 5.96 -7.81
C CYS B 130 6.15 6.43 -6.73
N CYS B 131 6.93 7.44 -7.07
CA CYS B 131 7.97 7.96 -6.19
C CYS B 131 8.02 9.49 -6.29
N SER B 132 9.07 10.09 -5.71
CA SER B 132 9.17 11.55 -5.59
C SER B 132 9.41 12.24 -6.93
N PHE B 133 10.45 11.81 -7.63
CA PHE B 133 10.81 12.37 -8.94
C PHE B 133 9.88 11.93 -10.09
N ASP B 134 9.11 10.87 -9.86
CA ASP B 134 8.15 10.36 -10.83
C ASP B 134 6.81 11.08 -10.72
N LEU B 135 6.42 11.40 -9.50
CA LEU B 135 5.15 12.07 -9.22
C LEU B 135 5.39 13.48 -8.71
N PRO B 136 5.95 14.36 -9.56
CA PRO B 136 6.35 15.67 -9.04
C PRO B 136 5.21 16.44 -8.37
N THR B 137 3.97 16.16 -8.81
CA THR B 137 2.79 16.77 -8.18
C THR B 137 2.62 16.21 -6.76
N LEU B 138 2.77 14.90 -6.61
CA LEU B 138 2.64 14.27 -5.31
C LEU B 138 3.68 14.84 -4.38
N HIS B 139 4.89 15.01 -4.88
CA HIS B 139 5.99 15.37 -4.00
C HIS B 139 5.80 16.75 -3.39
N ILE B 140 5.24 17.67 -4.17
CA ILE B 140 4.89 18.99 -3.63
C ILE B 140 3.63 18.94 -2.78
N TRP B 141 2.62 18.17 -3.21
CA TRP B 141 1.36 18.05 -2.48
C TRP B 141 1.61 17.81 -0.99
N LEU B 142 2.54 16.89 -0.69
CA LEU B 142 2.94 16.59 0.70
C LEU B 142 3.54 17.81 1.42
N HIS B 143 4.35 18.59 0.71
CA HIS B 143 5.00 19.77 1.28
C HIS B 143 4.04 20.91 1.63
N LEU B 144 2.84 20.88 1.05
CA LEU B 144 1.82 21.87 1.36
C LEU B 144 1.44 21.77 2.84
N PRO B 145 0.75 22.79 3.39
CA PRO B 145 0.21 22.78 4.75
C PRO B 145 -0.40 21.46 5.26
N GLN B 146 -0.51 21.39 6.58
CA GLN B 146 -0.82 20.16 7.29
C GLN B 146 -2.32 19.85 7.18
N ALA B 147 -3.11 20.90 7.03
CA ALA B 147 -4.56 20.79 7.00
C ALA B 147 -5.13 21.19 5.63
N GLN B 148 -4.29 21.13 4.61
CA GLN B 148 -4.77 21.30 3.23
C GLN B 148 -5.13 19.93 2.66
N ARG B 149 -4.28 18.95 2.97
CA ARG B 149 -4.48 17.58 2.54
C ARG B 149 -5.75 17.03 3.19
N ASP B 150 -5.96 17.40 4.45
CA ASP B 150 -7.12 16.96 5.23
C ASP B 150 -8.45 17.51 4.68
N SER B 151 -8.39 18.63 3.95
CA SER B 151 -9.56 19.20 3.26
C SER B 151 -9.89 18.47 1.95
N GLN B 152 -8.86 17.94 1.29
CA GLN B 152 -9.04 17.15 0.07
C GLN B 152 -9.37 15.68 0.36
N VAL B 153 -8.90 15.19 1.50
CA VAL B 153 -9.11 13.79 1.91
C VAL B 153 -10.57 13.53 2.29
N GLU B 154 -11.09 14.38 3.18
CA GLU B 154 -12.46 14.25 3.67
C GLU B 154 -13.45 14.24 2.51
N THR B 155 -13.28 15.16 1.56
CA THR B 155 -14.12 15.22 0.36
C THR B 155 -13.94 13.97 -0.47
N TRP B 156 -12.70 13.46 -0.51
CA TRP B 156 -12.38 12.21 -1.20
C TRP B 156 -13.16 11.03 -0.61
N ILE B 157 -13.13 10.89 0.72
CA ILE B 157 -13.86 9.82 1.41
C ILE B 157 -15.38 10.09 1.44
N ALA B 158 -15.75 11.35 1.67
CA ALA B 158 -17.17 11.77 1.75
C ALA B 158 -17.97 11.56 0.46
N SER B 159 -17.29 11.58 -0.70
CA SER B 159 -17.95 11.35 -1.99
C SER B 159 -18.69 10.01 -2.10
N LEU B 160 -18.27 9.03 -1.31
CA LEU B 160 -18.90 7.69 -1.34
C LEU B 160 -19.74 7.37 -0.10
N ASN B 161 -20.48 8.36 0.40
CA ASN B 161 -21.49 8.09 1.44
C ASN B 161 -22.76 7.34 0.95
N PRO B 162 -23.21 7.61 -0.28
CA PRO B 162 -24.24 6.76 -0.88
C PRO B 162 -23.89 5.25 -0.87
N LEU B 163 -22.66 4.90 -1.22
CA LEU B 163 -22.23 3.50 -1.19
C LEU B 163 -21.82 3.01 0.20
N THR B 164 -20.90 3.72 0.85
CA THR B 164 -20.39 3.32 2.18
C THR B 164 -21.52 2.93 3.13
N GLN B 165 -22.43 3.88 3.39
CA GLN B 165 -23.54 3.71 4.33
C GLN B 165 -24.47 2.55 3.96
N ALA B 166 -25.05 2.62 2.76
CA ALA B 166 -25.97 1.59 2.29
C ALA B 166 -25.41 0.23 2.60
N LEU B 167 -24.14 0.03 2.26
CA LEU B 167 -23.45 -1.21 2.56
C LEU B 167 -23.40 -1.41 4.07
N THR B 168 -22.86 -0.44 4.80
CA THR B 168 -22.69 -0.54 6.26
C THR B 168 -23.95 -1.08 6.98
N MET B 169 -25.12 -0.62 6.54
CA MET B 169 -26.38 -1.13 7.07
C MET B 169 -26.53 -2.60 6.68
N VAL B 170 -26.73 -2.85 5.40
CA VAL B 170 -26.95 -4.18 4.88
C VAL B 170 -26.11 -5.22 5.62
N LEU B 171 -24.84 -4.94 5.84
CA LEU B 171 -23.92 -5.91 6.44
C LEU B 171 -24.14 -6.12 7.94
N ASP B 172 -24.50 -5.08 8.67
CA ASP B 172 -24.95 -5.26 10.05
C ASP B 172 -26.21 -6.13 10.09
N LEU B 173 -27.14 -5.88 9.18
CA LEU B 173 -28.39 -6.65 9.15
C LEU B 173 -28.20 -8.08 8.65
N ILE B 174 -27.06 -8.36 8.01
CA ILE B 174 -26.72 -9.74 7.69
C ILE B 174 -26.16 -10.42 8.93
N ARG B 175 -25.08 -9.85 9.45
CA ARG B 175 -24.32 -10.46 10.55
C ARG B 175 -25.15 -10.81 11.79
N GLN B 176 -26.35 -10.26 11.90
CA GLN B 176 -27.27 -10.56 13.01
C GLN B 176 -28.34 -11.59 12.68
N SER B 177 -28.30 -12.15 11.47
CA SER B 177 -29.40 -12.99 10.99
C SER B 177 -29.26 -14.45 11.39
N ALA B 178 -28.12 -14.80 12.00
CA ALA B 178 -27.81 -16.20 12.29
C ALA B 178 -27.10 -16.34 13.62
N PRO B 179 -27.61 -17.21 14.51
CA PRO B 179 -26.96 -17.41 15.79
C PRO B 179 -25.80 -18.40 15.67
N PHE B 180 -24.95 -18.47 16.69
CA PHE B 180 -23.76 -19.31 16.67
C PHE B 180 -24.03 -20.71 17.23
N ARG B 181 -24.18 -21.67 16.33
CA ARG B 181 -24.42 -23.06 16.70
C ARG B 181 -23.07 -23.80 16.79
N LYS B 182 -22.87 -24.51 17.91
CA LYS B 182 -21.55 -25.06 18.26
C LYS B 182 -21.26 -26.40 17.57
N GLN B 183 -20.28 -26.39 16.65
CA GLN B 183 -19.98 -27.56 15.81
C GLN B 183 -18.80 -28.37 16.31
N THR B 184 -18.53 -29.47 15.60
CA THR B 184 -17.36 -30.32 15.87
C THR B 184 -16.87 -30.93 14.54
N SER B 185 -15.58 -30.82 14.26
CA SER B 185 -15.02 -31.29 12.99
C SER B 185 -14.27 -32.61 13.14
N LEU B 186 -14.75 -33.65 12.46
CA LEU B 186 -14.13 -34.98 12.49
C LEU B 186 -12.96 -35.04 11.52
N ASN B 187 -11.80 -35.48 12.01
CA ASN B 187 -10.65 -35.77 11.15
C ASN B 187 -10.05 -34.48 10.55
N GLY B 188 -10.29 -33.35 11.22
CA GLY B 188 -9.99 -32.05 10.65
C GLY B 188 -10.74 -31.83 9.35
N PHE B 189 -12.06 -31.99 9.39
CA PHE B 189 -12.88 -31.89 8.18
C PHE B 189 -14.35 -31.62 8.49
N TYR B 190 -15.03 -30.92 7.58
CA TYR B 190 -16.44 -30.55 7.76
C TYR B 190 -17.13 -30.13 6.47
N GLN B 191 -18.40 -30.54 6.32
CA GLN B 191 -19.29 -30.13 5.24
C GLN B 191 -20.66 -29.72 5.76
N ASP B 192 -21.37 -28.90 4.98
CA ASP B 192 -22.79 -28.64 5.21
C ASP B 192 -23.45 -28.03 3.98
N ASN B 193 -24.76 -27.75 4.08
CA ASN B 193 -25.49 -27.04 3.03
C ASN B 193 -25.78 -25.61 3.49
N GLY B 194 -25.00 -24.66 2.98
CA GLY B 194 -25.19 -23.25 3.31
C GLY B 194 -26.63 -22.79 3.14
N GLY B 195 -27.24 -23.16 2.00
CA GLY B 195 -28.61 -22.75 1.69
C GLY B 195 -28.62 -21.37 1.08
N ASP B 196 -29.64 -20.58 1.41
CA ASP B 196 -29.70 -19.19 0.97
C ASP B 196 -28.48 -18.41 1.43
N ALA B 197 -27.94 -18.79 2.59
CA ALA B 197 -26.87 -18.07 3.28
C ALA B 197 -25.80 -17.44 2.39
N ASP B 198 -25.40 -16.25 2.79
CA ASP B 198 -24.44 -15.40 2.07
C ASP B 198 -23.02 -15.58 2.61
N LEU B 199 -22.94 -15.69 3.93
CA LEU B 199 -21.69 -15.65 4.66
C LEU B 199 -21.57 -16.84 5.61
N LEU B 200 -20.34 -17.19 5.97
CA LEU B 200 -20.08 -18.02 7.14
C LEU B 200 -19.30 -17.13 8.07
N ARG B 201 -19.57 -17.19 9.37
CA ARG B 201 -18.74 -16.48 10.34
C ARG B 201 -18.11 -17.48 11.31
N LEU B 202 -16.98 -18.04 10.90
CA LEU B 202 -16.35 -19.14 11.65
C LEU B 202 -15.48 -18.63 12.78
N ASN B 203 -15.87 -18.96 14.00
CA ASN B 203 -15.12 -18.62 15.19
C ASN B 203 -14.17 -19.77 15.57
N LEU B 204 -12.88 -19.48 15.66
CA LEU B 204 -11.86 -20.52 15.89
C LEU B 204 -11.31 -20.43 17.32
N SER B 205 -11.09 -21.60 17.92
CA SER B 205 -10.85 -21.70 19.36
C SER B 205 -9.36 -21.52 19.73
N LEU B 206 -8.72 -22.56 20.25
CA LEU B 206 -7.45 -22.42 21.01
C LEU B 206 -6.21 -22.09 20.17
N ASP B 207 -6.41 -21.64 18.93
CA ASP B 207 -5.32 -21.39 17.99
C ASP B 207 -4.44 -22.64 17.94
N SER B 208 -4.86 -23.56 17.08
CA SER B 208 -4.35 -24.92 17.06
C SER B 208 -3.25 -25.11 16.03
N GLN B 209 -2.62 -24.01 15.61
CA GLN B 209 -1.83 -23.97 14.37
C GLN B 209 -2.69 -24.52 13.23
N LEU B 210 -3.83 -23.85 13.03
CA LEU B 210 -4.83 -24.25 12.02
C LEU B 210 -5.64 -23.04 11.55
N TYR B 211 -6.13 -23.11 10.31
CA TYR B 211 -6.99 -22.06 9.73
C TYR B 211 -7.99 -22.66 8.77
N PRO B 212 -9.17 -22.04 8.63
CA PRO B 212 -10.20 -22.58 7.75
C PRO B 212 -9.93 -22.35 6.27
N GLN B 213 -9.74 -23.46 5.56
CA GLN B 213 -9.65 -23.46 4.11
C GLN B 213 -11.00 -23.94 3.58
N ILE B 214 -11.79 -23.01 3.03
CA ILE B 214 -13.17 -23.28 2.61
C ILE B 214 -13.25 -23.50 1.10
N SER B 215 -13.99 -24.52 0.69
CA SER B 215 -14.33 -24.74 -0.70
C SER B 215 -15.85 -24.79 -0.79
N GLY B 216 -16.38 -24.90 -2.00
CA GLY B 216 -17.82 -24.95 -2.16
C GLY B 216 -18.26 -25.28 -3.57
N HIS B 217 -19.33 -26.05 -3.67
CA HIS B 217 -19.90 -26.40 -4.97
C HIS B 217 -21.40 -26.19 -4.91
N LYS B 218 -21.89 -25.32 -5.79
CA LYS B 218 -23.29 -24.86 -5.77
C LYS B 218 -23.62 -24.24 -4.41
N SER B 219 -24.50 -24.86 -3.64
CA SER B 219 -24.91 -24.33 -2.33
C SER B 219 -24.11 -24.92 -1.15
N ARG B 220 -23.48 -26.07 -1.38
CA ARG B 220 -22.82 -26.83 -0.32
C ARG B 220 -21.39 -26.36 -0.15
N PHE B 221 -20.93 -26.29 1.10
CA PHE B 221 -19.55 -25.88 1.40
C PHE B 221 -18.78 -26.91 2.21
N ALA B 222 -17.47 -26.95 1.99
CA ALA B 222 -16.58 -27.91 2.64
C ALA B 222 -15.40 -27.20 3.28
N ILE B 223 -15.43 -27.13 4.61
CA ILE B 223 -14.35 -26.57 5.38
C ILE B 223 -13.32 -27.68 5.60
N ARG B 224 -12.05 -27.34 5.41
CA ARG B 224 -10.94 -28.23 5.79
C ARG B 224 -9.89 -27.39 6.52
N PHE B 225 -9.63 -27.73 7.78
CA PHE B 225 -8.72 -26.97 8.63
C PHE B 225 -7.27 -27.33 8.36
N MET B 226 -6.53 -26.41 7.74
CA MET B 226 -5.13 -26.61 7.40
C MET B 226 -4.24 -26.05 8.50
N PRO B 227 -3.09 -26.70 8.76
CA PRO B 227 -2.10 -26.16 9.70
C PRO B 227 -1.07 -25.26 9.04
N LEU B 228 -0.36 -24.49 9.87
CA LEU B 228 0.66 -23.53 9.43
C LEU B 228 1.97 -24.26 9.14
N ASP B 229 2.20 -24.54 7.85
CA ASP B 229 3.29 -25.41 7.35
C ASP B 229 3.03 -26.89 7.70
N THR B 230 3.11 -27.75 6.67
CA THR B 230 2.66 -29.14 6.77
C THR B 230 3.27 -29.94 7.92
N GLU B 231 4.60 -30.06 7.92
CA GLU B 231 5.31 -30.86 8.94
C GLU B 231 5.95 -30.00 10.05
N ASN B 232 5.26 -28.93 10.43
CA ASN B 232 5.76 -28.00 11.45
C ASN B 232 5.09 -28.25 12.81
N GLY B 233 3.75 -28.26 12.82
CA GLY B 233 2.96 -28.55 14.02
C GLY B 233 1.71 -29.32 13.65
N GLN B 234 1.92 -30.45 12.97
CA GLN B 234 0.84 -31.24 12.36
C GLN B 234 -0.10 -31.88 13.39
N VAL B 235 -1.28 -31.29 13.55
CA VAL B 235 -2.31 -31.81 14.45
C VAL B 235 -3.70 -31.53 13.85
N PRO B 236 -4.09 -32.28 12.81
CA PRO B 236 -5.42 -32.17 12.22
C PRO B 236 -6.55 -32.27 13.25
N GLU B 237 -6.59 -33.37 14.01
CA GLU B 237 -7.45 -33.53 15.21
C GLU B 237 -8.99 -33.44 15.04
N ARG B 238 -9.70 -33.59 16.15
CA ARG B 238 -11.16 -33.43 16.24
C ARG B 238 -11.52 -32.07 16.86
N LEU B 239 -11.95 -31.11 16.04
CA LEU B 239 -12.13 -29.72 16.51
C LEU B 239 -13.55 -29.43 16.98
N ASP B 240 -13.68 -28.52 17.93
CA ASP B 240 -14.93 -28.26 18.64
C ASP B 240 -15.32 -26.78 18.50
N PHE B 241 -15.53 -26.36 17.25
CA PHE B 241 -15.63 -24.91 16.92
C PHE B 241 -17.06 -24.35 16.96
N GLU B 242 -17.20 -23.09 16.54
CA GLU B 242 -18.48 -22.40 16.51
C GLU B 242 -18.68 -21.72 15.14
N LEU B 243 -19.79 -22.02 14.46
CA LEU B 243 -20.07 -21.53 13.10
C LEU B 243 -21.50 -21.05 12.90
N ALA B 244 -21.65 -19.82 12.39
CA ALA B 244 -22.96 -19.21 12.10
C ALA B 244 -23.13 -19.08 10.59
N CYS B 245 -24.33 -19.43 10.10
CA CYS B 245 -24.66 -19.35 8.67
C CYS B 245 -25.59 -18.18 8.42
N CYS B 246 -25.00 -16.99 8.30
CA CYS B 246 -25.74 -15.77 7.92
C CYS B 246 -26.39 -15.92 6.56
#